data_7XS3
#
_entry.id   7XS3
#
_cell.length_a   48.419
_cell.length_b   107.051
_cell.length_c   118.617
_cell.angle_alpha   90.000
_cell.angle_beta   90.000
_cell.angle_gamma   90.000
#
_symmetry.space_group_name_H-M   'P 2 21 21'
#
loop_
_entity.id
_entity.type
_entity.pdbx_description
1 polymer 'AlXyn26A E243A-X3X4X'
2 branched beta-D-xylopyranose-(1-3)-beta-D-xylopyranose-(1-4)-beta-D-xylopyranose
3 water water
#
_entity_poly.entity_id   1
_entity_poly.type   'polypeptide(L)'
_entity_poly.pdbx_seq_one_letter_code
;MRKISLIILLLFLQNGFSQETKPRFNYNAKYEPQTGIYHGAGQDKNGFQDYVNAVGQDKMPAIYMTYVNITAPVKRIESW
GKDLKHVLDSLPKGIMPQIGLAFTGGKDTGAGLDKEVANGKYNAQLEAFYKVLLDLDRPSFTRIGYEFEGDWNGYSPESF
KKVFITISKAFEEKNIKSATVWCSGGGSANFIGLEKLMAYYPGNEYVDWWGIDVFSPEEFSNIGLKNFFDTAHTHKKPVM
IGASTPRYVGVLDGEISWNKWFKPFFEMLNDNPGIKAFCYINWDWEYWSNKNGFPWHDWKDARIEKNPFVLEAYKTEMEN
PIFIHLNNKLEHHHHHH
;
_entity_poly.pdbx_strand_id   A,B
#
loop_
_chem_comp.id
_chem_comp.type
_chem_comp.name
_chem_comp.formula
XYP D-saccharide, beta linking beta-D-xylopyranose 'C5 H10 O5'
#
# COMPACT_ATOMS: atom_id res chain seq x y z
N GLU A 20 -13.43 -37.54 1.85
CA GLU A 20 -13.32 -37.25 3.28
C GLU A 20 -13.77 -35.81 3.60
N THR A 21 -14.29 -35.08 2.61
CA THR A 21 -14.91 -33.78 2.85
C THR A 21 -16.39 -33.99 3.15
N LYS A 22 -16.80 -33.76 4.40
CA LYS A 22 -18.19 -34.02 4.76
C LYS A 22 -19.12 -33.12 3.93
N PRO A 23 -20.23 -33.67 3.41
CA PRO A 23 -21.21 -32.82 2.74
C PRO A 23 -21.66 -31.72 3.68
N ARG A 24 -21.87 -30.53 3.13
CA ARG A 24 -22.21 -29.36 3.94
C ARG A 24 -23.65 -29.46 4.44
N PHE A 25 -23.90 -28.89 5.61
CA PHE A 25 -25.26 -28.55 6.02
C PHE A 25 -25.69 -27.28 5.30
N ASN A 26 -27.00 -27.13 5.10
CA ASN A 26 -27.54 -25.91 4.49
C ASN A 26 -28.55 -25.29 5.45
N TYR A 27 -28.33 -24.03 5.82
CA TYR A 27 -29.22 -23.29 6.71
C TYR A 27 -30.06 -22.27 5.96
N ASN A 28 -29.87 -22.14 4.65
CA ASN A 28 -30.61 -21.19 3.82
C ASN A 28 -30.44 -19.75 4.31
N ALA A 29 -29.23 -19.39 4.71
CA ALA A 29 -28.97 -18.03 5.12
C ALA A 29 -28.65 -17.16 3.91
N LYS A 30 -28.68 -15.85 4.12
CA LYS A 30 -28.43 -14.92 3.03
C LYS A 30 -27.05 -15.16 2.43
N TYR A 31 -27.01 -15.35 1.11
CA TYR A 31 -25.79 -15.61 0.34
C TYR A 31 -25.08 -16.88 0.78
N GLU A 32 -25.77 -17.81 1.42
CA GLU A 32 -25.15 -19.06 1.81
C GLU A 32 -25.23 -20.02 0.64
N PRO A 33 -24.13 -20.58 0.16
CA PRO A 33 -24.21 -21.52 -0.95
C PRO A 33 -24.87 -22.82 -0.51
N GLN A 34 -25.57 -23.46 -1.44
CA GLN A 34 -26.31 -24.68 -1.11
C GLN A 34 -25.35 -25.80 -0.71
N THR A 35 -24.26 -25.99 -1.45
CA THR A 35 -23.50 -27.24 -1.28
C THR A 35 -22.02 -27.09 -0.93
N GLY A 36 -21.37 -25.98 -1.28
CA GLY A 36 -19.92 -25.89 -1.18
C GLY A 36 -19.45 -24.93 -0.10
N ILE A 37 -18.17 -24.55 -0.22
CA ILE A 37 -17.49 -23.62 0.68
C ILE A 37 -16.94 -22.48 -0.16
N TYR A 38 -17.33 -21.25 0.17
CA TYR A 38 -16.77 -20.11 -0.56
C TYR A 38 -15.26 -20.00 -0.31
N HIS A 39 -14.50 -19.83 -1.38
CA HIS A 39 -13.08 -19.55 -1.31
C HIS A 39 -12.87 -18.04 -1.16
N GLY A 40 -12.21 -17.64 -0.07
CA GLY A 40 -11.89 -16.25 0.16
C GLY A 40 -10.42 -16.04 0.48
N ALA A 41 -9.94 -14.82 0.17
CA ALA A 41 -8.55 -14.47 0.43
C ALA A 41 -8.43 -12.98 0.67
N GLY A 42 -7.32 -12.60 1.30
CA GLY A 42 -7.01 -11.20 1.46
C GLY A 42 -5.57 -11.01 1.89
N GLN A 43 -5.27 -9.83 2.43
CA GLN A 43 -6.28 -8.79 2.64
C GLN A 43 -5.77 -7.40 2.21
N ASP A 44 -5.02 -7.36 1.10
CA ASP A 44 -4.74 -6.14 0.35
C ASP A 44 -4.79 -6.48 -1.14
N LYS A 45 -4.83 -5.44 -1.98
CA LYS A 45 -5.04 -5.66 -3.41
C LYS A 45 -3.92 -6.47 -4.01
N ASN A 46 -2.67 -6.07 -3.76
CA ASN A 46 -1.55 -6.76 -4.40
C ASN A 46 -1.28 -8.12 -3.79
N GLY A 47 -1.46 -8.29 -2.48
CA GLY A 47 -1.34 -9.62 -1.88
C GLY A 47 -2.38 -10.59 -2.42
N PHE A 48 -3.60 -10.12 -2.62
CA PHE A 48 -4.64 -10.92 -3.24
C PHE A 48 -4.26 -11.34 -4.66
N GLN A 49 -3.70 -10.42 -5.46
CA GLN A 49 -3.33 -10.77 -6.82
C GLN A 49 -2.15 -11.73 -6.84
N ASP A 50 -1.17 -11.54 -5.94
CA ASP A 50 -0.08 -12.49 -5.84
C ASP A 50 -0.60 -13.89 -5.49
N TYR A 51 -1.56 -13.96 -4.57
CA TYR A 51 -2.11 -15.25 -4.17
C TYR A 51 -2.86 -15.90 -5.32
N VAL A 52 -3.63 -15.11 -6.07
CA VAL A 52 -4.36 -15.65 -7.21
C VAL A 52 -3.41 -16.15 -8.28
N ASN A 53 -2.30 -15.42 -8.50
CA ASN A 53 -1.34 -15.88 -9.49
C ASN A 53 -0.65 -17.17 -9.05
N ALA A 54 -0.52 -17.39 -7.74
CA ALA A 54 0.05 -18.62 -7.22
C ALA A 54 -0.91 -19.80 -7.33
N VAL A 55 -2.17 -19.60 -6.93
CA VAL A 55 -3.09 -20.74 -6.94
C VAL A 55 -3.64 -21.02 -8.34
N GLY A 56 -3.66 -20.04 -9.22
CA GLY A 56 -4.23 -20.20 -10.53
C GLY A 56 -5.44 -19.33 -10.78
N GLN A 57 -5.50 -18.71 -11.97
CA GLN A 57 -6.62 -17.80 -12.26
C GLN A 57 -7.96 -18.54 -12.28
N ASP A 58 -7.94 -19.85 -12.59
CA ASP A 58 -9.17 -20.64 -12.53
C ASP A 58 -9.62 -20.94 -11.11
N LYS A 59 -8.82 -20.59 -10.09
CA LYS A 59 -9.17 -20.75 -8.68
C LYS A 59 -9.32 -19.40 -8.00
N MET A 60 -9.76 -18.40 -8.75
CA MET A 60 -9.99 -17.07 -8.23
C MET A 60 -10.99 -17.12 -7.08
N PRO A 61 -10.68 -16.51 -5.92
CA PRO A 61 -11.64 -16.52 -4.81
C PRO A 61 -12.97 -15.88 -5.18
N ALA A 62 -14.05 -16.42 -4.61
CA ALA A 62 -15.33 -15.75 -4.64
C ALA A 62 -15.39 -14.57 -3.66
N ILE A 63 -14.49 -14.51 -2.68
CA ILE A 63 -14.56 -13.51 -1.62
C ILE A 63 -13.23 -12.76 -1.52
N TYR A 64 -13.32 -11.43 -1.39
CA TYR A 64 -12.19 -10.52 -1.28
C TYR A 64 -12.32 -9.76 0.04
N MET A 65 -11.30 -9.85 0.89
CA MET A 65 -11.35 -9.23 2.22
C MET A 65 -11.00 -7.74 2.15
N THR A 66 -11.69 -6.94 2.96
CA THR A 66 -11.42 -5.51 3.08
C THR A 66 -11.84 -5.08 4.49
N TYR A 67 -11.47 -3.85 4.86
CA TYR A 67 -11.65 -3.38 6.22
C TYR A 67 -11.94 -1.89 6.21
N VAL A 68 -12.76 -1.45 7.15
CA VAL A 68 -13.01 -0.03 7.34
C VAL A 68 -13.40 0.20 8.80
N ASN A 69 -12.93 1.31 9.35
CA ASN A 69 -13.22 1.70 10.73
C ASN A 69 -14.23 2.85 10.70
N ILE A 70 -15.39 2.61 11.28
CA ILE A 70 -16.52 3.52 11.16
C ILE A 70 -16.34 4.75 12.05
N THR A 71 -15.28 4.77 12.85
CA THR A 71 -14.97 5.99 13.60
C THR A 71 -13.97 6.89 12.87
N ALA A 72 -13.47 6.48 11.71
CA ALA A 72 -12.60 7.33 10.92
C ALA A 72 -13.42 8.49 10.36
N PRO A 73 -12.77 9.53 9.83
CA PRO A 73 -13.54 10.64 9.24
C PRO A 73 -14.38 10.16 8.07
N VAL A 74 -15.51 10.85 7.86
CA VAL A 74 -16.40 10.53 6.74
C VAL A 74 -15.63 10.38 5.44
N LYS A 75 -14.66 11.28 5.21
CA LYS A 75 -13.89 11.23 3.96
C LYS A 75 -13.10 9.93 3.83
N ARG A 76 -12.59 9.39 4.94
CA ARG A 76 -11.90 8.11 4.88
C ARG A 76 -12.86 6.96 4.58
N ILE A 77 -14.12 7.06 5.02
CA ILE A 77 -15.13 6.09 4.59
C ILE A 77 -15.35 6.20 3.09
N GLU A 78 -15.50 7.43 2.60
CA GLU A 78 -15.74 7.63 1.17
C GLU A 78 -14.57 7.16 0.32
N SER A 79 -13.33 7.49 0.74
CA SER A 79 -12.19 7.04 -0.04
C SER A 79 -12.02 5.52 0.04
N TRP A 80 -12.31 4.92 1.20
CA TRP A 80 -12.31 3.47 1.28
C TRP A 80 -13.30 2.88 0.28
N GLY A 81 -14.51 3.42 0.24
CA GLY A 81 -15.50 2.92 -0.70
C GLY A 81 -15.06 3.06 -2.14
N LYS A 82 -14.52 4.23 -2.49
CA LYS A 82 -14.09 4.44 -3.86
C LYS A 82 -12.97 3.50 -4.26
N ASP A 83 -11.99 3.31 -3.38
CA ASP A 83 -10.91 2.39 -3.73
C ASP A 83 -11.41 0.95 -3.83
N LEU A 84 -12.37 0.57 -2.97
CA LEU A 84 -12.88 -0.78 -3.02
C LEU A 84 -13.57 -1.05 -4.36
N LYS A 85 -14.40 -0.12 -4.81
CA LYS A 85 -15.04 -0.27 -6.11
C LYS A 85 -14.01 -0.34 -7.22
N HIS A 86 -12.98 0.52 -7.17
CA HIS A 86 -11.90 0.46 -8.14
C HIS A 86 -11.28 -0.93 -8.19
N VAL A 87 -10.95 -1.48 -7.02
CA VAL A 87 -10.31 -2.79 -6.97
C VAL A 87 -11.25 -3.86 -7.52
N LEU A 88 -12.51 -3.83 -7.09
CA LEU A 88 -13.44 -4.89 -7.50
C LEU A 88 -13.71 -4.84 -8.99
N ASP A 89 -13.83 -3.65 -9.56
CA ASP A 89 -14.14 -3.54 -10.99
C ASP A 89 -12.94 -3.84 -11.87
N SER A 90 -11.74 -3.94 -11.32
CA SER A 90 -10.58 -4.42 -12.03
C SER A 90 -10.36 -5.92 -11.85
N LEU A 91 -11.19 -6.58 -11.05
CA LEU A 91 -11.24 -8.02 -10.91
C LEU A 91 -12.44 -8.56 -11.69
N PRO A 92 -12.47 -9.86 -11.96
CA PRO A 92 -13.63 -10.45 -12.64
C PRO A 92 -14.94 -10.18 -11.89
N LYS A 93 -16.02 -10.15 -12.66
CA LYS A 93 -17.35 -9.86 -12.15
C LYS A 93 -17.79 -10.91 -11.14
N GLY A 94 -18.48 -10.48 -10.09
CA GLY A 94 -19.09 -11.39 -9.13
C GLY A 94 -18.37 -11.55 -7.81
N ILE A 95 -17.15 -11.02 -7.66
CA ILE A 95 -16.46 -11.12 -6.38
C ILE A 95 -17.29 -10.45 -5.29
N MET A 96 -17.32 -11.09 -4.12
CA MET A 96 -18.08 -10.61 -2.99
C MET A 96 -17.13 -9.98 -1.98
N PRO A 97 -17.23 -8.68 -1.71
CA PRO A 97 -16.40 -8.11 -0.65
C PRO A 97 -16.82 -8.61 0.72
N GLN A 98 -15.83 -8.93 1.53
CA GLN A 98 -16.05 -9.37 2.90
C GLN A 98 -15.41 -8.32 3.80
N ILE A 99 -16.24 -7.52 4.45
CA ILE A 99 -15.82 -6.26 5.05
C ILE A 99 -15.66 -6.44 6.56
N GLY A 100 -14.44 -6.29 7.07
CA GLY A 100 -14.25 -6.13 8.50
C GLY A 100 -14.56 -4.72 8.95
N LEU A 101 -15.70 -4.55 9.63
CA LEU A 101 -16.13 -3.23 10.11
C LEU A 101 -15.72 -3.08 11.57
N ALA A 102 -14.87 -2.10 11.85
CA ALA A 102 -14.41 -1.87 13.21
C ALA A 102 -14.94 -0.54 13.72
N PHE A 103 -14.99 -0.40 15.05
CA PHE A 103 -15.28 0.88 15.69
C PHE A 103 -14.39 0.97 16.93
N THR A 104 -13.09 1.09 16.67
CA THR A 104 -12.05 1.15 17.68
C THR A 104 -11.39 2.52 17.61
N GLY A 105 -10.90 2.98 18.77
CA GLY A 105 -10.22 4.25 18.85
C GLY A 105 -8.72 4.15 18.95
N GLY A 106 -8.16 2.97 18.70
CA GLY A 106 -6.73 2.77 18.73
C GLY A 106 -6.41 1.45 18.08
N LYS A 107 -5.12 1.24 17.84
CA LYS A 107 -4.64 0.04 17.15
C LYS A 107 -4.36 -1.03 18.19
N ASP A 108 -5.38 -1.86 18.45
CA ASP A 108 -5.30 -2.98 19.41
C ASP A 108 -4.96 -2.50 20.82
N THR A 109 -5.50 -1.33 21.18
CA THR A 109 -5.26 -0.76 22.50
C THR A 109 -6.45 -0.91 23.44
N GLY A 110 -7.46 -1.69 23.06
CA GLY A 110 -8.64 -1.83 23.89
C GLY A 110 -9.55 -0.62 23.89
N ALA A 111 -9.40 0.28 22.92
CA ALA A 111 -10.16 1.53 22.85
C ALA A 111 -11.47 1.32 22.08
N GLY A 112 -12.39 0.61 22.72
CA GLY A 112 -13.69 0.37 22.10
C GLY A 112 -14.49 1.65 22.03
N LEU A 113 -15.04 1.95 20.85
CA LEU A 113 -15.90 3.11 20.69
C LEU A 113 -17.36 2.70 20.46
N ASP A 114 -17.74 1.49 20.88
CA ASP A 114 -19.10 1.02 20.62
C ASP A 114 -20.15 1.82 21.39
N LYS A 115 -19.82 2.33 22.57
CA LYS A 115 -20.77 3.19 23.28
C LYS A 115 -21.05 4.45 22.48
N GLU A 116 -19.99 5.08 21.96
CA GLU A 116 -20.15 6.28 21.15
C GLU A 116 -20.98 6.01 19.90
N VAL A 117 -20.68 4.90 19.21
CA VAL A 117 -21.49 4.53 18.05
C VAL A 117 -22.95 4.30 18.45
N ALA A 118 -23.15 3.55 19.54
CA ALA A 118 -24.50 3.25 20.00
C ALA A 118 -25.29 4.54 20.30
N ASN A 119 -24.60 5.62 20.64
CA ASN A 119 -25.24 6.88 21.01
C ASN A 119 -25.38 7.85 19.85
N GLY A 120 -25.07 7.42 18.63
CA GLY A 120 -25.26 8.24 17.45
C GLY A 120 -24.13 9.17 17.10
N LYS A 121 -23.01 9.14 17.83
CA LYS A 121 -21.94 10.09 17.54
C LYS A 121 -21.23 9.81 16.22
N TYR A 122 -21.46 8.66 15.59
CA TYR A 122 -20.85 8.36 14.30
C TYR A 122 -21.89 8.06 13.23
N ASN A 123 -23.11 8.59 13.38
CA ASN A 123 -24.16 8.31 12.40
C ASN A 123 -23.76 8.80 11.01
N ALA A 124 -23.00 9.90 10.94
CA ALA A 124 -22.60 10.43 9.64
C ALA A 124 -21.71 9.44 8.90
N GLN A 125 -20.82 8.76 9.62
CA GLN A 125 -19.98 7.73 9.03
C GLN A 125 -20.81 6.52 8.64
N LEU A 126 -21.78 6.13 9.46
CA LEU A 126 -22.65 5.02 9.12
C LEU A 126 -23.41 5.30 7.82
N GLU A 127 -23.90 6.53 7.66
CA GLU A 127 -24.61 6.89 6.43
C GLU A 127 -23.69 6.81 5.22
N ALA A 128 -22.42 7.20 5.40
CA ALA A 128 -21.44 7.07 4.34
C ALA A 128 -21.19 5.60 4.02
N PHE A 129 -21.17 4.76 5.06
CA PHE A 129 -21.01 3.33 4.88
C PHE A 129 -22.19 2.72 4.13
N TYR A 130 -23.41 3.04 4.56
CA TYR A 130 -24.59 2.54 3.87
C TYR A 130 -24.57 2.95 2.41
N LYS A 131 -24.17 4.18 2.13
CA LYS A 131 -24.17 4.68 0.76
C LYS A 131 -23.19 3.92 -0.10
N VAL A 132 -22.02 3.55 0.45
CA VAL A 132 -21.05 2.76 -0.31
C VAL A 132 -21.65 1.40 -0.67
N LEU A 133 -22.25 0.71 0.30
CA LEU A 133 -22.83 -0.60 0.01
C LEU A 133 -23.95 -0.49 -1.01
N LEU A 134 -24.76 0.57 -0.92
CA LEU A 134 -25.85 0.75 -1.88
C LEU A 134 -25.31 1.03 -3.28
N ASP A 135 -24.21 1.78 -3.36
CA ASP A 135 -23.60 2.05 -4.66
C ASP A 135 -22.87 0.82 -5.20
N LEU A 136 -22.28 0.01 -4.31
CA LEU A 136 -21.67 -1.24 -4.77
C LEU A 136 -22.72 -2.16 -5.38
N ASP A 137 -23.93 -2.18 -4.81
CA ASP A 137 -25.09 -2.91 -5.37
C ASP A 137 -24.75 -4.34 -5.77
N ARG A 138 -24.12 -5.08 -4.85
CA ARG A 138 -23.73 -6.45 -5.16
C ARG A 138 -23.58 -7.24 -3.88
N PRO A 139 -23.79 -8.56 -3.92
CA PRO A 139 -23.72 -9.35 -2.69
C PRO A 139 -22.40 -9.14 -1.96
N SER A 140 -22.48 -9.05 -0.64
CA SER A 140 -21.30 -8.83 0.20
C SER A 140 -21.58 -9.39 1.58
N PHE A 141 -20.56 -9.30 2.43
CA PHE A 141 -20.63 -9.68 3.83
C PHE A 141 -20.04 -8.54 4.64
N THR A 142 -20.68 -8.23 5.78
CA THR A 142 -20.12 -7.29 6.74
C THR A 142 -19.97 -7.98 8.08
N ARG A 143 -18.72 -8.13 8.53
CA ARG A 143 -18.42 -8.60 9.89
C ARG A 143 -18.46 -7.39 10.80
N ILE A 144 -19.62 -7.15 11.39
CA ILE A 144 -19.83 -5.97 12.23
C ILE A 144 -19.08 -6.15 13.55
N GLY A 145 -18.11 -5.27 13.80
CA GLY A 145 -17.33 -5.37 15.01
C GLY A 145 -16.64 -6.71 15.16
N TYR A 146 -15.90 -7.11 14.12
CA TYR A 146 -15.30 -8.44 14.06
C TYR A 146 -14.36 -8.66 15.23
N GLU A 147 -14.29 -9.93 15.67
CA GLU A 147 -13.55 -10.31 16.87
C GLU A 147 -14.06 -9.49 18.06
N PHE A 148 -15.37 -9.58 18.25
CA PHE A 148 -16.12 -8.69 19.14
C PHE A 148 -15.72 -8.84 20.62
N GLU A 149 -15.23 -10.02 21.01
CA GLU A 149 -14.88 -10.26 22.41
C GLU A 149 -13.39 -10.10 22.70
N GLY A 150 -12.56 -9.83 21.68
CA GLY A 150 -11.14 -9.63 21.91
C GLY A 150 -10.86 -8.41 22.77
N ASP A 151 -9.96 -8.55 23.75
CA ASP A 151 -9.66 -7.43 24.66
C ASP A 151 -9.00 -6.29 23.91
N TRP A 152 -8.32 -6.59 22.80
CA TRP A 152 -7.62 -5.57 22.03
C TRP A 152 -8.58 -4.60 21.36
N ASN A 153 -9.83 -5.00 21.15
CA ASN A 153 -10.85 -4.10 20.60
C ASN A 153 -11.61 -3.37 21.71
N GLY A 154 -11.75 -3.97 22.89
CA GLY A 154 -12.36 -3.29 24.02
C GLY A 154 -13.85 -3.01 23.91
N TYR A 155 -14.61 -3.83 23.18
CA TYR A 155 -16.04 -3.62 23.08
C TYR A 155 -16.75 -4.11 24.34
N SER A 156 -17.94 -3.51 24.62
CA SER A 156 -18.77 -3.93 25.75
C SER A 156 -20.04 -4.60 25.25
N PRO A 157 -20.45 -5.70 25.89
CA PRO A 157 -21.57 -6.49 25.35
C PRO A 157 -22.84 -5.72 25.02
N GLU A 158 -23.35 -4.90 25.93
CA GLU A 158 -24.66 -4.30 25.69
C GLU A 158 -24.59 -3.25 24.59
N SER A 159 -23.52 -2.46 24.54
CA SER A 159 -23.43 -1.50 23.45
C SER A 159 -23.04 -2.19 22.13
N PHE A 160 -22.25 -3.27 22.19
CA PHE A 160 -21.94 -3.98 20.94
C PHE A 160 -23.22 -4.49 20.30
N LYS A 161 -24.09 -5.13 21.09
CA LYS A 161 -25.35 -5.65 20.55
C LYS A 161 -26.20 -4.53 19.97
N LYS A 162 -26.31 -3.40 20.67
CA LYS A 162 -27.12 -2.32 20.15
C LYS A 162 -26.58 -1.81 18.82
N VAL A 163 -25.24 -1.76 18.67
CA VAL A 163 -24.65 -1.34 17.41
C VAL A 163 -24.96 -2.36 16.32
N PHE A 164 -24.80 -3.65 16.64
CA PHE A 164 -25.04 -4.70 15.66
C PHE A 164 -26.49 -4.67 15.20
N ILE A 165 -27.43 -4.53 16.13
CA ILE A 165 -28.84 -4.53 15.75
C ILE A 165 -29.17 -3.31 14.89
N THR A 166 -28.64 -2.15 15.26
CA THR A 166 -28.85 -0.94 14.49
C THR A 166 -28.39 -1.11 13.04
N ILE A 167 -27.19 -1.64 12.85
CA ILE A 167 -26.68 -1.79 11.48
C ILE A 167 -27.46 -2.88 10.74
N SER A 168 -27.76 -3.99 11.42
CA SER A 168 -28.56 -5.04 10.80
C SER A 168 -29.92 -4.52 10.35
N LYS A 169 -30.58 -3.73 11.20
CA LYS A 169 -31.88 -3.17 10.81
C LYS A 169 -31.74 -2.17 9.69
N ALA A 170 -30.64 -1.40 9.65
CA ALA A 170 -30.46 -0.46 8.56
C ALA A 170 -30.25 -1.19 7.23
N PHE A 171 -29.44 -2.25 7.23
CA PHE A 171 -29.32 -3.12 6.06
C PHE A 171 -30.69 -3.56 5.56
N GLU A 172 -31.51 -4.11 6.45
CA GLU A 172 -32.83 -4.61 6.09
C GLU A 172 -33.70 -3.50 5.54
N GLU A 173 -33.73 -2.36 6.24
CA GLU A 173 -34.62 -1.27 5.87
C GLU A 173 -34.22 -0.67 4.52
N LYS A 174 -32.92 -0.60 4.24
CA LYS A 174 -32.45 -0.05 2.96
C LYS A 174 -32.31 -1.11 1.89
N ASN A 175 -32.71 -2.35 2.17
CA ASN A 175 -32.52 -3.47 1.26
C ASN A 175 -31.06 -3.56 0.78
N ILE A 176 -30.11 -3.35 1.70
CA ILE A 176 -28.70 -3.41 1.34
C ILE A 176 -28.30 -4.85 1.06
N LYS A 177 -27.50 -5.04 -0.01
CA LYS A 177 -27.05 -6.37 -0.44
C LYS A 177 -25.80 -6.77 0.33
N SER A 178 -25.98 -7.07 1.62
CA SER A 178 -24.88 -7.49 2.47
C SER A 178 -25.43 -8.39 3.57
N ALA A 179 -24.77 -9.53 3.78
CA ALA A 179 -25.11 -10.42 4.89
C ALA A 179 -24.33 -10.02 6.14
N THR A 180 -25.00 -10.01 7.29
CA THR A 180 -24.32 -9.70 8.54
C THR A 180 -23.61 -10.93 9.08
N VAL A 181 -22.43 -10.72 9.67
CA VAL A 181 -21.58 -11.79 10.17
C VAL A 181 -21.15 -11.45 11.59
N TRP A 182 -21.47 -12.32 12.54
CA TRP A 182 -21.14 -12.14 13.96
C TRP A 182 -19.91 -13.01 14.19
N CYS A 183 -18.75 -12.38 14.24
CA CYS A 183 -17.47 -13.06 14.04
C CYS A 183 -16.65 -13.03 15.33
N SER A 184 -16.39 -14.20 15.88
CA SER A 184 -15.70 -14.34 17.15
C SER A 184 -14.19 -14.31 16.94
N GLY A 185 -13.48 -13.78 17.94
CA GLY A 185 -12.04 -13.86 17.93
C GLY A 185 -11.47 -15.20 18.32
N GLY A 186 -12.34 -16.14 18.71
CA GLY A 186 -11.90 -17.53 18.92
C GLY A 186 -10.73 -17.67 19.87
N GLY A 187 -9.73 -18.47 19.44
CA GLY A 187 -8.60 -18.75 20.31
C GLY A 187 -7.77 -17.53 20.66
N SER A 188 -7.73 -16.53 19.77
CA SER A 188 -7.00 -15.31 20.10
C SER A 188 -7.62 -14.61 21.30
N ALA A 189 -8.94 -14.77 21.51
CA ALA A 189 -9.61 -14.25 22.69
C ALA A 189 -9.80 -15.32 23.75
N ASN A 190 -9.01 -16.40 23.71
CA ASN A 190 -8.97 -17.44 24.73
C ASN A 190 -10.26 -18.26 24.81
N PHE A 191 -10.97 -18.40 23.68
CA PHE A 191 -12.18 -19.23 23.61
C PHE A 191 -13.06 -19.08 24.84
N ILE A 192 -13.72 -17.93 25.01
CA ILE A 192 -14.54 -17.73 26.20
C ILE A 192 -15.76 -18.63 26.16
N GLY A 193 -16.31 -18.95 27.32
CA GLY A 193 -17.45 -19.87 27.37
C GLY A 193 -18.66 -19.35 26.60
N LEU A 194 -19.62 -20.24 26.37
CA LEU A 194 -20.78 -19.86 25.58
C LEU A 194 -21.62 -18.80 26.28
N GLU A 195 -21.77 -18.90 27.61
CA GLU A 195 -22.51 -17.86 28.32
C GLU A 195 -21.88 -16.49 28.09
N LYS A 196 -20.55 -16.41 28.13
CA LYS A 196 -19.88 -15.12 27.90
C LYS A 196 -20.03 -14.67 26.45
N LEU A 197 -19.90 -15.61 25.50
CA LEU A 197 -20.13 -15.29 24.10
C LEU A 197 -21.54 -14.72 23.89
N MET A 198 -22.53 -15.36 24.49
CA MET A 198 -23.92 -14.94 24.25
C MET A 198 -24.21 -13.54 24.81
N ALA A 199 -23.39 -13.05 25.75
CA ALA A 199 -23.54 -11.66 26.18
C ALA A 199 -23.41 -10.70 25.02
N TYR A 200 -22.62 -11.05 24.00
CA TYR A 200 -22.45 -10.26 22.79
C TYR A 200 -23.41 -10.64 21.67
N TYR A 201 -24.29 -11.63 21.85
CA TYR A 201 -25.08 -12.12 20.73
C TYR A 201 -26.35 -11.29 20.58
N PRO A 202 -26.59 -10.67 19.41
CA PRO A 202 -27.80 -9.86 19.25
C PRO A 202 -29.06 -10.65 18.97
N GLY A 203 -28.98 -11.95 18.75
CA GLY A 203 -30.17 -12.72 18.43
C GLY A 203 -30.19 -13.17 16.98
N ASN A 204 -30.77 -14.34 16.74
CA ASN A 204 -30.74 -14.95 15.41
C ASN A 204 -31.38 -14.07 14.35
N GLU A 205 -32.37 -13.26 14.73
CA GLU A 205 -33.11 -12.50 13.74
C GLU A 205 -32.26 -11.41 13.09
N TYR A 206 -31.15 -11.02 13.73
CA TYR A 206 -30.29 -9.95 13.21
C TYR A 206 -28.99 -10.46 12.60
N VAL A 207 -28.75 -11.77 12.61
CA VAL A 207 -27.45 -12.35 12.26
C VAL A 207 -27.65 -13.28 11.07
N ASP A 208 -26.96 -13.00 9.96
CA ASP A 208 -27.07 -13.92 8.83
C ASP A 208 -26.10 -15.08 8.93
N TRP A 209 -24.83 -14.80 9.24
CA TRP A 209 -23.82 -15.84 9.41
C TRP A 209 -23.12 -15.69 10.75
N TRP A 210 -22.61 -16.81 11.27
CA TRP A 210 -21.58 -16.74 12.29
C TRP A 210 -20.19 -16.72 11.64
N GLY A 211 -19.22 -16.18 12.36
CA GLY A 211 -17.84 -16.22 11.92
C GLY A 211 -16.93 -16.56 13.08
N ILE A 212 -15.75 -17.07 12.74
CA ILE A 212 -14.68 -17.26 13.70
C ILE A 212 -13.35 -17.15 12.96
N ASP A 213 -12.38 -16.54 13.62
CA ASP A 213 -11.07 -16.30 13.04
C ASP A 213 -10.06 -17.24 13.68
N VAL A 214 -9.24 -17.89 12.87
CA VAL A 214 -8.43 -19.03 13.30
C VAL A 214 -6.98 -18.77 12.93
N PHE A 215 -6.10 -18.74 13.94
CA PHE A 215 -4.74 -18.24 13.73
C PHE A 215 -3.66 -19.20 14.28
N SER A 216 -3.54 -19.30 15.60
CA SER A 216 -2.50 -20.14 16.17
C SER A 216 -2.82 -21.61 15.89
N PRO A 217 -1.81 -22.45 15.64
CA PRO A 217 -2.10 -23.84 15.28
C PRO A 217 -2.71 -24.66 16.41
N GLU A 218 -2.46 -24.30 17.68
CA GLU A 218 -3.06 -25.02 18.79
C GLU A 218 -4.58 -24.85 18.85
N GLU A 219 -5.11 -23.81 18.19
CA GLU A 219 -6.55 -23.60 18.17
C GLU A 219 -7.29 -24.78 17.56
N PHE A 220 -6.68 -25.47 16.59
CA PHE A 220 -7.38 -26.53 15.88
C PHE A 220 -7.80 -27.66 16.79
N SER A 221 -7.04 -27.92 17.85
CA SER A 221 -7.34 -29.02 18.75
C SER A 221 -8.02 -28.56 20.04
N ASN A 222 -8.37 -27.27 20.14
CA ASN A 222 -8.97 -26.74 21.36
C ASN A 222 -10.46 -27.08 21.38
N ILE A 223 -10.94 -27.57 22.52
CA ILE A 223 -12.33 -27.97 22.61
C ILE A 223 -13.26 -26.77 22.41
N GLY A 224 -12.79 -25.57 22.71
CA GLY A 224 -13.59 -24.37 22.46
C GLY A 224 -13.98 -24.22 21.00
N LEU A 225 -13.12 -24.65 20.09
CA LEU A 225 -13.45 -24.56 18.67
C LEU A 225 -14.59 -25.49 18.31
N LYS A 226 -14.52 -26.75 18.73
CA LYS A 226 -15.64 -27.67 18.50
C LYS A 226 -16.93 -27.16 19.14
N ASN A 227 -16.85 -26.66 20.38
CA ASN A 227 -18.03 -26.13 21.05
C ASN A 227 -18.63 -24.96 20.27
N PHE A 228 -17.77 -24.14 19.66
CA PHE A 228 -18.26 -23.03 18.86
C PHE A 228 -19.05 -23.52 17.66
N PHE A 229 -18.51 -24.50 16.92
CA PHE A 229 -19.24 -25.07 15.78
C PHE A 229 -20.54 -25.72 16.24
N ASP A 230 -20.50 -26.44 17.36
CA ASP A 230 -21.69 -27.11 17.87
C ASP A 230 -22.83 -26.13 18.10
N THR A 231 -22.55 -24.99 18.74
CA THR A 231 -23.64 -24.04 19.01
C THR A 231 -23.99 -23.21 17.78
N ALA A 232 -23.05 -22.96 16.86
CA ALA A 232 -23.45 -22.31 15.62
C ALA A 232 -24.50 -23.15 14.91
N HIS A 233 -24.28 -24.47 14.88
CA HIS A 233 -25.20 -25.36 14.18
C HIS A 233 -26.60 -25.31 14.79
N THR A 234 -26.69 -25.27 16.12
CA THR A 234 -28.02 -25.23 16.74
C THR A 234 -28.59 -23.82 16.84
N HIS A 235 -27.80 -22.77 16.53
CA HIS A 235 -28.43 -21.50 16.19
C HIS A 235 -28.88 -21.47 14.73
N LYS A 236 -28.64 -22.56 13.98
CA LYS A 236 -29.00 -22.68 12.57
C LYS A 236 -28.35 -21.59 11.71
N LYS A 237 -27.05 -21.38 11.92
CA LYS A 237 -26.31 -20.38 11.16
C LYS A 237 -25.08 -21.03 10.52
N PRO A 238 -24.82 -20.74 9.25
CA PRO A 238 -23.55 -21.19 8.66
C PRO A 238 -22.38 -20.42 9.27
N VAL A 239 -21.20 -21.04 9.22
CA VAL A 239 -19.99 -20.45 9.78
C VAL A 239 -19.06 -20.04 8.64
N MET A 240 -18.56 -18.81 8.73
CA MET A 240 -17.46 -18.35 7.90
C MET A 240 -16.19 -18.30 8.73
N ILE A 241 -15.10 -18.83 8.19
CA ILE A 241 -13.79 -18.56 8.79
C ILE A 241 -13.45 -17.14 8.34
N GLY A 242 -13.68 -16.15 9.21
CA GLY A 242 -13.67 -14.76 8.76
C GLY A 242 -12.29 -14.24 8.41
N ALA A 243 -11.27 -14.84 9.01
CA ALA A 243 -9.88 -14.50 8.77
C ALA A 243 -9.04 -15.68 9.24
N SER A 244 -7.96 -15.97 8.52
CA SER A 244 -7.07 -17.03 8.99
C SER A 244 -5.71 -16.83 8.36
N THR A 245 -4.67 -17.28 9.07
CA THR A 245 -3.29 -17.20 8.61
C THR A 245 -2.49 -18.15 9.48
N PRO A 246 -1.37 -18.70 8.98
CA PRO A 246 -0.57 -19.64 9.83
C PRO A 246 0.26 -18.91 10.87
N ARG A 247 -0.41 -18.38 11.89
CA ARG A 247 0.27 -17.52 12.85
C ARG A 247 1.30 -18.31 13.65
N TYR A 248 2.51 -17.76 13.76
CA TYR A 248 3.68 -18.37 14.40
C TYR A 248 4.20 -19.59 13.62
N VAL A 249 3.74 -19.81 12.41
CA VAL A 249 4.19 -20.92 11.58
C VAL A 249 4.70 -20.41 10.23
N GLY A 250 3.89 -19.61 9.55
CA GLY A 250 4.28 -19.15 8.24
C GLY A 250 4.36 -20.33 7.28
N VAL A 251 5.03 -20.08 6.16
CA VAL A 251 5.12 -21.05 5.06
C VAL A 251 6.55 -21.46 4.74
N LEU A 252 7.57 -20.81 5.31
CA LEU A 252 8.92 -20.92 4.78
C LEU A 252 9.61 -22.23 5.14
N ASP A 253 9.01 -23.07 5.97
CA ASP A 253 9.60 -24.34 6.34
C ASP A 253 8.99 -25.52 5.59
N GLY A 254 8.34 -25.27 4.45
CA GLY A 254 7.92 -26.36 3.59
C GLY A 254 6.96 -27.31 4.29
N GLU A 255 7.26 -28.60 4.19
CA GLU A 255 6.40 -29.63 4.77
C GLU A 255 6.18 -29.43 6.26
N ILE A 256 7.17 -28.89 6.98
CA ILE A 256 6.96 -28.63 8.41
C ILE A 256 5.87 -27.59 8.60
N SER A 257 5.92 -26.51 7.83
CA SER A 257 4.89 -25.48 7.87
C SER A 257 3.53 -26.07 7.53
N TRP A 258 3.48 -26.88 6.46
CA TRP A 258 2.22 -27.45 6.01
C TRP A 258 1.60 -28.34 7.08
N ASN A 259 2.39 -29.23 7.67
CA ASN A 259 1.84 -30.17 8.64
C ASN A 259 1.44 -29.49 9.94
N LYS A 260 2.09 -28.39 10.30
CA LYS A 260 1.80 -27.71 11.56
C LYS A 260 0.48 -26.93 11.49
N TRP A 261 0.21 -26.28 10.36
CA TRP A 261 -0.96 -25.39 10.28
C TRP A 261 -1.91 -25.74 9.15
N PHE A 262 -1.40 -25.90 7.93
CA PHE A 262 -2.30 -26.08 6.81
C PHE A 262 -3.00 -27.42 6.85
N LYS A 263 -2.30 -28.48 7.27
CA LYS A 263 -2.95 -29.79 7.37
C LYS A 263 -4.13 -29.77 8.33
N PRO A 264 -4.01 -29.30 9.58
CA PRO A 264 -5.21 -29.24 10.41
C PRO A 264 -6.23 -28.23 9.90
N PHE A 265 -5.78 -27.15 9.26
CA PHE A 265 -6.72 -26.16 8.72
C PHE A 265 -7.71 -26.82 7.75
N PHE A 266 -7.19 -27.58 6.78
CA PHE A 266 -8.08 -28.21 5.80
C PHE A 266 -8.81 -29.39 6.42
N GLU A 267 -8.24 -30.03 7.44
CA GLU A 267 -9.00 -31.00 8.21
C GLU A 267 -10.22 -30.35 8.86
N MET A 268 -10.03 -29.18 9.46
CA MET A 268 -11.14 -28.47 10.09
C MET A 268 -12.25 -28.18 9.08
N LEU A 269 -11.89 -27.70 7.89
CA LEU A 269 -12.91 -27.45 6.87
C LEU A 269 -13.65 -28.72 6.50
N ASN A 270 -12.92 -29.83 6.33
CA ASN A 270 -13.51 -31.11 5.97
C ASN A 270 -14.48 -31.62 7.03
N ASP A 271 -14.14 -31.44 8.31
CA ASP A 271 -14.79 -32.17 9.40
C ASP A 271 -16.00 -31.46 9.98
N ASN A 272 -16.24 -30.20 9.61
CA ASN A 272 -17.29 -29.40 10.23
C ASN A 272 -18.25 -28.94 9.14
N PRO A 273 -19.38 -29.63 8.97
CA PRO A 273 -20.24 -29.40 7.79
C PRO A 273 -20.88 -28.03 7.75
N GLY A 274 -20.93 -27.30 8.87
CA GLY A 274 -21.51 -25.98 8.88
C GLY A 274 -20.60 -24.86 8.43
N ILE A 275 -19.34 -25.16 8.10
CA ILE A 275 -18.44 -24.15 7.57
C ILE A 275 -18.73 -23.98 6.08
N LYS A 276 -19.15 -22.78 5.68
CA LYS A 276 -19.56 -22.54 4.30
C LYS A 276 -18.72 -21.45 3.63
N ALA A 277 -17.65 -20.99 4.28
CA ALA A 277 -16.73 -20.05 3.66
C ALA A 277 -15.44 -20.00 4.47
N PHE A 278 -14.33 -19.69 3.80
CA PHE A 278 -13.08 -19.47 4.51
C PHE A 278 -12.32 -18.33 3.85
N CYS A 279 -11.56 -17.59 4.67
CA CYS A 279 -10.82 -16.42 4.20
C CYS A 279 -9.38 -16.56 4.67
N TYR A 280 -8.46 -16.77 3.73
CA TYR A 280 -7.04 -16.96 3.98
C TYR A 280 -6.30 -15.64 3.72
N ILE A 281 -5.46 -15.24 4.67
CA ILE A 281 -4.72 -13.98 4.60
C ILE A 281 -3.30 -14.27 4.11
N ASN A 282 -2.98 -13.80 2.92
CA ASN A 282 -1.71 -14.09 2.25
C ASN A 282 -0.73 -12.91 2.45
N TRP A 283 -0.19 -12.81 3.67
CA TRP A 283 0.53 -11.62 4.10
C TRP A 283 1.91 -11.93 4.65
N ASP A 284 2.85 -11.03 4.38
CA ASP A 284 4.12 -10.92 5.12
C ASP A 284 3.82 -10.08 6.35
N TRP A 285 3.55 -10.75 7.47
CA TRP A 285 3.03 -10.04 8.63
C TRP A 285 4.03 -9.04 9.19
N GLU A 286 5.32 -9.38 9.16
CA GLU A 286 6.33 -8.43 9.63
C GLU A 286 6.27 -7.12 8.85
N TYR A 287 6.12 -7.20 7.51
CA TYR A 287 5.99 -5.98 6.71
C TYR A 287 4.78 -5.17 7.14
N TRP A 288 3.62 -5.82 7.26
CA TRP A 288 2.39 -5.09 7.56
C TRP A 288 2.38 -4.58 9.01
N SER A 289 3.05 -5.28 9.92
CA SER A 289 3.12 -4.80 11.29
C SER A 289 3.81 -3.45 11.38
N ASN A 290 4.99 -3.33 10.74
CA ASN A 290 5.69 -2.06 10.69
C ASN A 290 4.90 -1.03 9.91
N LYS A 291 4.34 -1.43 8.76
CA LYS A 291 3.61 -0.47 7.93
C LYS A 291 2.39 0.08 8.66
N ASN A 292 1.61 -0.80 9.30
CA ASN A 292 0.32 -0.45 9.88
C ASN A 292 0.39 -0.15 11.37
N GLY A 293 1.47 -0.52 12.06
CA GLY A 293 1.57 -0.24 13.48
C GLY A 293 0.81 -1.19 14.36
N PHE A 294 0.52 -2.38 13.88
CA PHE A 294 -0.17 -3.39 14.65
C PHE A 294 0.82 -4.44 15.13
N PRO A 295 0.51 -5.15 16.21
CA PRO A 295 1.49 -6.08 16.80
C PRO A 295 1.47 -7.49 16.20
N TRP A 296 1.93 -7.60 14.95
CA TRP A 296 2.03 -8.90 14.28
C TRP A 296 3.45 -9.22 13.86
N HIS A 297 4.46 -8.68 14.57
CA HIS A 297 5.82 -8.75 14.05
C HIS A 297 6.35 -10.18 14.00
N ASP A 298 5.95 -11.02 14.95
CA ASP A 298 6.42 -12.41 15.03
C ASP A 298 5.42 -13.41 14.46
N TRP A 299 4.43 -12.95 13.66
CA TRP A 299 3.43 -13.88 13.14
C TRP A 299 3.97 -14.77 12.02
N LYS A 300 5.12 -14.43 11.45
CA LYS A 300 5.80 -15.16 10.37
C LYS A 300 5.15 -14.92 9.00
N ASP A 301 5.86 -15.29 7.94
CA ASP A 301 5.49 -14.97 6.57
C ASP A 301 4.44 -15.97 6.05
N ALA A 302 3.24 -15.47 5.72
CA ALA A 302 2.13 -16.33 5.30
C ALA A 302 1.89 -16.34 3.79
N ARG A 303 2.79 -15.78 2.99
CA ARG A 303 2.61 -15.69 1.54
C ARG A 303 2.90 -17.06 0.93
N ILE A 304 1.85 -17.79 0.53
CA ILE A 304 2.06 -19.17 0.09
C ILE A 304 2.97 -19.22 -1.15
N GLU A 305 3.02 -18.16 -1.94
CA GLU A 305 3.88 -18.18 -3.13
C GLU A 305 5.37 -18.17 -2.78
N LYS A 306 5.74 -17.87 -1.54
CA LYS A 306 7.14 -17.84 -1.18
C LYS A 306 7.71 -19.23 -0.84
N ASN A 307 6.90 -20.29 -0.86
CA ASN A 307 7.42 -21.63 -0.62
C ASN A 307 6.81 -22.67 -1.56
N PRO A 308 7.64 -23.36 -2.35
CA PRO A 308 7.08 -24.27 -3.38
C PRO A 308 6.25 -25.39 -2.80
N PHE A 309 6.71 -26.01 -1.71
CA PHE A 309 5.92 -27.07 -1.09
C PHE A 309 4.54 -26.57 -0.72
N VAL A 310 4.48 -25.44 0.00
CA VAL A 310 3.20 -24.95 0.50
C VAL A 310 2.30 -24.53 -0.64
N LEU A 311 2.86 -23.79 -1.59
CA LEU A 311 2.10 -23.36 -2.76
C LEU A 311 1.46 -24.54 -3.47
N GLU A 312 2.26 -25.56 -3.80
CA GLU A 312 1.73 -26.71 -4.52
C GLU A 312 0.67 -27.45 -3.69
N ALA A 313 0.94 -27.66 -2.41
CA ALA A 313 -0.03 -28.35 -1.56
C ALA A 313 -1.34 -27.56 -1.46
N TYR A 314 -1.23 -26.23 -1.35
CA TYR A 314 -2.41 -25.39 -1.22
C TYR A 314 -3.19 -25.37 -2.53
N LYS A 315 -2.48 -25.20 -3.64
CA LYS A 315 -3.11 -25.30 -4.95
C LYS A 315 -3.88 -26.61 -5.09
N THR A 316 -3.30 -27.70 -4.57
CA THR A 316 -3.95 -29.01 -4.66
C THR A 316 -5.24 -29.04 -3.83
N GLU A 317 -5.22 -28.46 -2.63
CA GLU A 317 -6.45 -28.40 -1.85
C GLU A 317 -7.52 -27.59 -2.58
N MET A 318 -7.12 -26.50 -3.24
CA MET A 318 -8.10 -25.68 -3.94
C MET A 318 -8.73 -26.40 -5.14
N GLU A 319 -8.15 -27.51 -5.59
CA GLU A 319 -8.76 -28.34 -6.62
C GLU A 319 -9.89 -29.22 -6.08
N ASN A 320 -10.05 -29.28 -4.77
CA ASN A 320 -11.17 -30.01 -4.18
C ASN A 320 -12.47 -29.40 -4.68
N PRO A 321 -13.38 -30.20 -5.26
CA PRO A 321 -14.63 -29.62 -5.80
C PRO A 321 -15.52 -28.94 -4.76
N ILE A 322 -15.32 -29.19 -3.47
CA ILE A 322 -16.15 -28.52 -2.46
C ILE A 322 -16.00 -27.01 -2.53
N PHE A 323 -14.87 -26.51 -3.05
CA PHE A 323 -14.55 -25.09 -2.98
C PHE A 323 -15.16 -24.33 -4.14
N ILE A 324 -15.82 -23.22 -3.85
CA ILE A 324 -16.49 -22.40 -4.85
C ILE A 324 -15.56 -21.24 -5.19
N HIS A 325 -15.02 -21.27 -6.40
CA HIS A 325 -14.23 -20.17 -6.90
C HIS A 325 -15.08 -19.26 -7.77
N LEU A 326 -14.48 -18.13 -8.15
CA LEU A 326 -14.93 -17.20 -9.21
C LEU A 326 -15.80 -16.07 -8.70
N GLU B 20 14.89 10.10 -33.65
CA GLU B 20 14.01 11.01 -32.94
C GLU B 20 14.43 11.12 -31.47
N THR B 21 14.88 10.02 -30.87
CA THR B 21 15.47 10.05 -29.53
C THR B 21 16.96 10.33 -29.68
N LYS B 22 17.39 11.53 -29.32
CA LYS B 22 18.80 11.91 -29.50
C LYS B 22 19.70 10.98 -28.68
N PRO B 23 20.85 10.58 -29.22
CA PRO B 23 21.82 9.84 -28.39
C PRO B 23 22.21 10.64 -27.17
N ARG B 24 22.41 9.94 -26.06
CA ARG B 24 22.72 10.60 -24.79
C ARG B 24 24.16 11.11 -24.78
N PHE B 25 24.36 12.25 -24.13
CA PHE B 25 25.68 12.61 -23.70
C PHE B 25 26.10 11.74 -22.52
N ASN B 26 27.41 11.62 -22.29
CA ASN B 26 27.94 10.83 -21.17
C ASN B 26 28.94 11.67 -20.39
N TYR B 27 28.67 11.88 -19.10
CA TYR B 27 29.53 12.67 -18.24
C TYR B 27 30.35 11.82 -17.27
N ASN B 28 30.19 10.50 -17.30
CA ASN B 28 30.92 9.56 -16.45
C ASN B 28 30.68 9.81 -14.97
N ALA B 29 29.48 10.25 -14.61
CA ALA B 29 29.14 10.46 -13.22
C ALA B 29 28.83 9.13 -12.52
N LYS B 30 28.77 9.19 -11.20
CA LYS B 30 28.50 7.99 -10.39
C LYS B 30 27.13 7.41 -10.71
N TYR B 31 27.11 6.12 -11.04
CA TYR B 31 25.89 5.41 -11.45
C TYR B 31 25.22 6.02 -12.67
N GLU B 32 25.96 6.78 -13.48
CA GLU B 32 25.38 7.28 -14.71
C GLU B 32 25.52 6.20 -15.79
N PRO B 33 24.45 5.86 -16.50
CA PRO B 33 24.59 4.87 -17.56
C PRO B 33 25.25 5.48 -18.79
N GLN B 34 25.98 4.64 -19.52
CA GLN B 34 26.76 5.15 -20.63
C GLN B 34 25.87 5.66 -21.75
N THR B 35 24.75 4.98 -22.04
CA THR B 35 24.04 5.29 -23.28
C THR B 35 22.55 5.61 -23.17
N GLY B 36 21.86 5.08 -22.16
CA GLY B 36 20.42 5.14 -22.12
C GLY B 36 19.89 6.04 -21.01
N ILE B 37 18.63 5.79 -20.64
CA ILE B 37 17.90 6.58 -19.65
C ILE B 37 17.32 5.62 -18.63
N TYR B 38 17.72 5.75 -17.37
CA TYR B 38 17.13 4.92 -16.33
C TYR B 38 15.63 5.18 -16.23
N HIS B 39 14.86 4.10 -16.17
CA HIS B 39 13.42 4.15 -15.96
C HIS B 39 13.14 4.13 -14.45
N GLY B 40 12.47 5.16 -13.94
CA GLY B 40 12.13 5.22 -12.54
C GLY B 40 10.65 5.51 -12.34
N ALA B 41 10.12 5.07 -11.20
CA ALA B 41 8.72 5.31 -10.86
C ALA B 41 8.53 5.33 -9.36
N GLY B 42 7.37 5.85 -8.95
CA GLY B 42 7.04 5.89 -7.54
C GLY B 42 5.59 6.26 -7.33
N GLN B 43 5.26 6.66 -6.10
CA GLN B 43 6.24 6.77 -5.02
C GLN B 43 5.71 6.23 -3.68
N ASP B 44 5.05 5.08 -3.75
CA ASP B 44 4.86 4.19 -2.61
C ASP B 44 4.82 2.78 -3.16
N LYS B 45 4.86 1.79 -2.28
CA LYS B 45 4.97 0.42 -2.75
C LYS B 45 3.79 0.04 -3.65
N ASN B 46 2.57 0.40 -3.25
CA ASN B 46 1.39 -0.04 -4.00
C ASN B 46 1.31 0.65 -5.35
N GLY B 47 1.50 1.97 -5.36
CA GLY B 47 1.49 2.69 -6.63
C GLY B 47 2.57 2.20 -7.58
N PHE B 48 3.72 1.81 -7.04
CA PHE B 48 4.78 1.23 -7.86
C PHE B 48 4.37 -0.13 -8.43
N GLN B 49 3.83 -1.00 -7.59
CA GLN B 49 3.38 -2.31 -8.07
C GLN B 49 2.28 -2.17 -9.12
N ASP B 50 1.32 -1.25 -8.90
CA ASP B 50 0.25 -1.07 -9.87
C ASP B 50 0.80 -0.57 -11.19
N TYR B 51 1.75 0.37 -11.13
CA TYR B 51 2.40 0.87 -12.32
C TYR B 51 3.11 -0.24 -13.08
N VAL B 52 3.86 -1.07 -12.36
CA VAL B 52 4.58 -2.16 -13.03
C VAL B 52 3.61 -3.14 -13.66
N ASN B 53 2.49 -3.43 -12.96
CA ASN B 53 1.52 -4.37 -13.53
C ASN B 53 0.87 -3.80 -14.79
N ALA B 54 0.84 -2.47 -14.92
CA ALA B 54 0.26 -1.85 -16.09
C ALA B 54 1.24 -1.81 -17.26
N VAL B 55 2.50 -1.44 -17.01
CA VAL B 55 3.44 -1.36 -18.13
C VAL B 55 4.05 -2.72 -18.48
N GLY B 56 3.97 -3.70 -17.58
CA GLY B 56 4.48 -5.03 -17.85
C GLY B 56 5.68 -5.34 -17.00
N GLN B 57 5.73 -6.57 -16.47
CA GLN B 57 6.84 -6.99 -15.61
C GLN B 57 8.18 -6.87 -16.31
N ASP B 58 8.21 -7.01 -17.64
CA ASP B 58 9.47 -6.89 -18.36
C ASP B 58 9.93 -5.45 -18.52
N LYS B 59 9.14 -4.47 -18.09
CA LYS B 59 9.55 -3.07 -18.11
C LYS B 59 9.63 -2.51 -16.69
N MET B 60 10.00 -3.35 -15.73
CA MET B 60 10.09 -2.89 -14.35
C MET B 60 11.14 -1.79 -14.22
N PRO B 61 10.82 -0.69 -13.55
CA PRO B 61 11.81 0.39 -13.39
C PRO B 61 13.09 -0.11 -12.75
N ALA B 62 14.21 0.48 -13.16
CA ALA B 62 15.47 0.33 -12.46
C ALA B 62 15.53 1.16 -11.18
N ILE B 63 14.62 2.12 -10.99
CA ILE B 63 14.69 3.10 -9.91
C ILE B 63 13.35 3.15 -9.18
N TYR B 64 13.41 3.18 -7.86
CA TYR B 64 12.24 3.15 -6.98
C TYR B 64 12.31 4.36 -6.06
N MET B 65 11.23 5.16 -6.01
CA MET B 65 11.23 6.41 -5.23
C MET B 65 10.85 6.18 -3.77
N THR B 66 11.54 6.89 -2.88
CA THR B 66 11.20 6.89 -1.46
C THR B 66 11.60 8.25 -0.89
N TYR B 67 11.16 8.52 0.35
CA TYR B 67 11.37 9.81 0.98
C TYR B 67 11.64 9.60 2.46
N VAL B 68 12.46 10.49 3.03
CA VAL B 68 12.63 10.54 4.48
C VAL B 68 12.96 11.97 4.87
N ASN B 69 12.52 12.37 6.05
CA ASN B 69 12.78 13.70 6.58
C ASN B 69 13.80 13.55 7.70
N ILE B 70 14.98 14.13 7.51
CA ILE B 70 16.07 14.00 8.48
C ILE B 70 15.77 14.72 9.79
N THR B 71 14.72 15.54 9.86
CA THR B 71 14.34 16.15 11.12
C THR B 71 13.24 15.35 11.84
N ALA B 72 12.84 14.20 11.31
CA ALA B 72 11.93 13.30 12.03
C ALA B 72 12.69 12.62 13.17
N PRO B 73 11.97 12.03 14.14
CA PRO B 73 12.64 11.33 15.24
C PRO B 73 13.60 10.27 14.72
N VAL B 74 14.66 10.02 15.51
CA VAL B 74 15.69 9.06 15.07
C VAL B 74 15.06 7.71 14.74
N LYS B 75 14.08 7.28 15.52
CA LYS B 75 13.49 5.97 15.26
C LYS B 75 12.63 5.96 14.01
N ARG B 76 12.12 7.12 13.58
CA ARG B 76 11.47 7.19 12.28
C ARG B 76 12.47 6.96 11.15
N ILE B 77 13.69 7.48 11.29
CA ILE B 77 14.74 7.22 10.29
C ILE B 77 15.05 5.73 10.23
N GLU B 78 15.20 5.11 11.41
CA GLU B 78 15.49 3.68 11.47
C GLU B 78 14.34 2.85 10.91
N SER B 79 13.10 3.20 11.26
CA SER B 79 11.97 2.44 10.74
C SER B 79 11.74 2.71 9.25
N TRP B 80 12.04 3.92 8.77
CA TRP B 80 12.00 4.13 7.32
C TRP B 80 12.97 3.18 6.62
N GLY B 81 14.20 3.08 7.14
CA GLY B 81 15.19 2.22 6.52
C GLY B 81 14.80 0.76 6.52
N LYS B 82 14.19 0.28 7.61
CA LYS B 82 13.80 -1.13 7.69
C LYS B 82 12.63 -1.44 6.78
N ASP B 83 11.62 -0.56 6.72
CA ASP B 83 10.54 -0.75 5.76
C ASP B 83 11.07 -0.74 4.33
N LEU B 84 12.00 0.18 4.03
CA LEU B 84 12.53 0.28 2.68
C LEU B 84 13.28 -0.98 2.29
N LYS B 85 14.17 -1.45 3.17
CA LYS B 85 14.92 -2.67 2.85
C LYS B 85 13.97 -3.84 2.67
N HIS B 86 12.93 -3.92 3.50
CA HIS B 86 11.95 -4.99 3.36
C HIS B 86 11.23 -4.93 2.02
N VAL B 87 10.79 -3.73 1.61
CA VAL B 87 10.14 -3.58 0.31
C VAL B 87 11.09 -3.99 -0.81
N LEU B 88 12.34 -3.49 -0.76
CA LEU B 88 13.26 -3.76 -1.85
C LEU B 88 13.54 -5.25 -1.97
N ASP B 89 13.67 -5.95 -0.83
CA ASP B 89 13.95 -7.38 -0.86
C ASP B 89 12.74 -8.20 -1.28
N SER B 90 11.53 -7.62 -1.26
CA SER B 90 10.36 -8.30 -1.80
C SER B 90 10.21 -8.12 -3.31
N LEU B 91 11.07 -7.31 -3.91
CA LEU B 91 11.11 -7.00 -5.34
C LEU B 91 12.33 -7.66 -5.99
N PRO B 92 12.38 -7.70 -7.33
CA PRO B 92 13.56 -8.28 -7.99
C PRO B 92 14.84 -7.55 -7.63
N LYS B 93 15.94 -8.30 -7.59
CA LYS B 93 17.24 -7.76 -7.22
C LYS B 93 17.66 -6.64 -8.17
N GLY B 94 18.42 -5.68 -7.64
CA GLY B 94 19.04 -4.66 -8.45
C GLY B 94 18.34 -3.31 -8.51
N ILE B 95 17.15 -3.18 -7.95
CA ILE B 95 16.46 -1.89 -8.00
C ILE B 95 17.25 -0.85 -7.21
N MET B 96 17.41 0.34 -7.80
CA MET B 96 18.12 1.42 -7.12
C MET B 96 17.15 2.35 -6.43
N PRO B 97 17.20 2.50 -5.11
CA PRO B 97 16.35 3.48 -4.46
C PRO B 97 16.81 4.89 -4.78
N GLN B 98 15.84 5.76 -4.97
CA GLN B 98 16.07 7.18 -5.24
C GLN B 98 15.38 7.93 -4.11
N ILE B 99 16.16 8.51 -3.22
CA ILE B 99 15.70 9.00 -1.91
C ILE B 99 15.51 10.50 -1.95
N GLY B 100 14.28 10.96 -1.72
CA GLY B 100 14.07 12.36 -1.47
C GLY B 100 14.32 12.69 -0.01
N LEU B 101 15.43 13.39 0.27
CA LEU B 101 15.85 13.68 1.63
C LEU B 101 15.48 15.12 1.96
N ALA B 102 14.56 15.29 2.89
CA ALA B 102 14.07 16.60 3.28
C ALA B 102 14.59 16.96 4.67
N PHE B 103 14.56 18.25 4.98
CA PHE B 103 14.80 18.74 6.33
C PHE B 103 13.90 19.94 6.59
N THR B 104 12.59 19.69 6.60
CA THR B 104 11.56 20.70 6.79
C THR B 104 10.84 20.43 8.11
N GLY B 105 10.20 21.46 8.63
CA GLY B 105 9.53 21.33 9.92
C GLY B 105 8.03 21.30 9.83
N GLY B 106 7.49 21.30 8.60
CA GLY B 106 6.06 21.32 8.38
C GLY B 106 5.72 20.89 6.98
N LYS B 107 4.42 20.79 6.71
CA LYS B 107 3.94 20.28 5.42
C LYS B 107 3.79 21.43 4.44
N ASP B 108 4.89 21.73 3.72
CA ASP B 108 4.91 22.79 2.71
C ASP B 108 4.60 24.16 3.33
N THR B 109 5.05 24.36 4.57
CA THR B 109 4.83 25.62 5.28
C THR B 109 5.90 26.64 5.03
N GLY B 110 7.02 26.24 4.40
CA GLY B 110 8.17 27.10 4.36
C GLY B 110 9.07 26.98 5.56
N ALA B 111 8.87 25.96 6.39
CA ALA B 111 9.60 25.81 7.64
C ALA B 111 10.89 25.02 7.41
N GLY B 112 11.82 25.66 6.71
CA GLY B 112 13.10 25.02 6.46
C GLY B 112 13.91 24.93 7.75
N LEU B 113 14.45 23.73 8.03
CA LEU B 113 15.31 23.51 9.19
C LEU B 113 16.76 23.27 8.77
N ASP B 114 17.17 23.83 7.63
CA ASP B 114 18.54 23.60 7.17
C ASP B 114 19.58 24.28 8.06
N LYS B 115 19.26 25.42 8.66
CA LYS B 115 20.22 26.05 9.57
C LYS B 115 20.46 25.15 10.78
N GLU B 116 19.40 24.54 11.32
CA GLU B 116 19.56 23.63 12.43
C GLU B 116 20.39 22.41 12.03
N VAL B 117 20.16 21.87 10.83
CA VAL B 117 20.93 20.72 10.37
C VAL B 117 22.40 21.10 10.22
N ALA B 118 22.66 22.23 9.56
CA ALA B 118 24.05 22.63 9.32
C ALA B 118 24.81 22.86 10.63
N ASN B 119 24.10 23.25 11.69
CA ASN B 119 24.74 23.51 12.98
C ASN B 119 24.87 22.27 13.84
N GLY B 120 24.57 21.09 13.29
CA GLY B 120 24.78 19.84 14.00
C GLY B 120 23.62 19.40 14.86
N LYS B 121 22.46 20.05 14.77
CA LYS B 121 21.40 19.73 15.70
C LYS B 121 20.72 18.40 15.38
N TYR B 122 20.79 17.94 14.13
CA TYR B 122 20.19 16.66 13.76
C TYR B 122 21.24 15.62 13.40
N ASN B 123 22.38 15.67 14.10
CA ASN B 123 23.48 14.75 13.78
C ASN B 123 23.12 13.31 14.07
N ALA B 124 22.28 13.07 15.09
CA ALA B 124 21.89 11.70 15.39
C ALA B 124 21.07 11.12 14.25
N GLN B 125 20.15 11.91 13.71
CA GLN B 125 19.37 11.46 12.55
C GLN B 125 20.27 11.19 11.35
N LEU B 126 21.20 12.12 11.07
CA LEU B 126 22.14 11.93 9.98
C LEU B 126 22.93 10.62 10.13
N GLU B 127 23.46 10.36 11.32
CA GLU B 127 24.19 9.11 11.54
C GLU B 127 23.30 7.90 11.26
N ALA B 128 22.04 7.97 11.71
CA ALA B 128 21.09 6.88 11.44
C ALA B 128 20.86 6.74 9.93
N PHE B 129 20.79 7.86 9.23
CA PHE B 129 20.61 7.83 7.78
C PHE B 129 21.79 7.16 7.10
N TYR B 130 23.02 7.50 7.51
CA TYR B 130 24.20 6.86 6.89
C TYR B 130 24.20 5.36 7.13
N LYS B 131 23.75 4.93 8.32
CA LYS B 131 23.70 3.49 8.63
C LYS B 131 22.72 2.76 7.72
N VAL B 132 21.54 3.35 7.50
CA VAL B 132 20.58 2.77 6.56
C VAL B 132 21.23 2.56 5.21
N LEU B 133 21.87 3.60 4.67
CA LEU B 133 22.52 3.47 3.36
C LEU B 133 23.64 2.45 3.38
N LEU B 134 24.38 2.36 4.48
CA LEU B 134 25.42 1.35 4.59
C LEU B 134 24.81 -0.04 4.66
N ASP B 135 23.67 -0.19 5.35
CA ASP B 135 22.97 -1.47 5.38
C ASP B 135 22.50 -1.89 4.00
N LEU B 136 21.88 -0.95 3.26
CA LEU B 136 21.36 -1.29 1.94
C LEU B 136 22.47 -1.79 1.03
N ASP B 137 23.65 -1.18 1.13
CA ASP B 137 24.85 -1.63 0.42
C ASP B 137 24.56 -1.90 -1.06
N ARG B 138 23.97 -0.93 -1.73
CA ARG B 138 23.61 -1.10 -3.14
C ARG B 138 23.54 0.27 -3.81
N PRO B 139 23.78 0.35 -5.12
CA PRO B 139 23.63 1.63 -5.83
C PRO B 139 22.30 2.32 -5.52
N SER B 140 22.35 3.63 -5.37
CA SER B 140 21.20 4.42 -4.96
C SER B 140 21.49 5.89 -5.25
N PHE B 141 20.45 6.72 -5.10
CA PHE B 141 20.56 8.17 -5.27
C PHE B 141 19.95 8.86 -4.05
N THR B 142 20.55 9.98 -3.65
CA THR B 142 20.02 10.84 -2.60
C THR B 142 19.86 12.25 -3.14
N ARG B 143 18.62 12.67 -3.36
CA ARG B 143 18.31 14.06 -3.65
C ARG B 143 18.30 14.80 -2.31
N ILE B 144 19.44 15.41 -1.98
CA ILE B 144 19.60 16.09 -0.69
C ILE B 144 18.83 17.41 -0.74
N GLY B 145 17.82 17.55 0.13
CA GLY B 145 17.01 18.76 0.10
C GLY B 145 16.40 19.02 -1.26
N TYR B 146 15.70 18.02 -1.81
CA TYR B 146 15.09 18.12 -3.13
C TYR B 146 14.17 19.34 -3.21
N GLU B 147 14.15 19.94 -4.42
CA GLU B 147 13.40 21.16 -4.67
C GLU B 147 13.87 22.26 -3.72
N PHE B 148 15.20 22.49 -3.74
CA PHE B 148 15.86 23.27 -2.69
C PHE B 148 15.41 24.72 -2.66
N GLU B 149 14.95 25.26 -3.79
CA GLU B 149 14.58 26.67 -3.88
C GLU B 149 13.08 26.92 -3.73
N GLY B 150 12.29 25.87 -3.51
CA GLY B 150 10.86 26.06 -3.34
C GLY B 150 10.56 26.82 -2.05
N ASP B 151 9.74 27.88 -2.15
CA ASP B 151 9.38 28.65 -0.97
C ASP B 151 8.62 27.80 0.03
N TRP B 152 7.95 26.74 -0.43
CA TRP B 152 7.25 25.83 0.47
C TRP B 152 8.19 25.02 1.35
N ASN B 153 9.45 24.84 0.93
CA ASN B 153 10.46 24.25 1.81
C ASN B 153 11.19 25.30 2.62
N GLY B 154 11.41 26.49 2.08
CA GLY B 154 11.99 27.57 2.87
C GLY B 154 13.42 27.32 3.32
N TYR B 155 14.25 26.72 2.46
CA TYR B 155 15.67 26.59 2.74
C TYR B 155 16.38 27.89 2.40
N SER B 156 17.51 28.14 3.07
CA SER B 156 18.30 29.32 2.73
C SER B 156 19.60 28.90 2.05
N PRO B 157 20.05 29.66 1.03
CA PRO B 157 21.18 29.18 0.21
C PRO B 157 22.44 28.83 0.99
N GLU B 158 22.82 29.63 2.00
CA GLU B 158 24.11 29.37 2.65
C GLU B 158 24.05 28.12 3.53
N SER B 159 22.96 27.93 4.27
CA SER B 159 22.85 26.73 5.08
C SER B 159 22.58 25.51 4.23
N PHE B 160 21.83 25.65 3.13
CA PHE B 160 21.60 24.51 2.26
C PHE B 160 22.92 23.94 1.75
N LYS B 161 23.79 24.82 1.23
CA LYS B 161 25.08 24.37 0.70
C LYS B 161 25.91 23.67 1.77
N LYS B 162 25.87 24.16 3.00
CA LYS B 162 26.69 23.53 4.05
C LYS B 162 26.18 22.14 4.37
N VAL B 163 24.87 21.94 4.38
CA VAL B 163 24.31 20.61 4.59
C VAL B 163 24.65 19.69 3.43
N PHE B 164 24.51 20.18 2.20
CA PHE B 164 24.82 19.35 1.03
C PHE B 164 26.26 18.87 1.07
N ILE B 165 27.20 19.78 1.35
CA ILE B 165 28.62 19.43 1.37
C ILE B 165 28.91 18.46 2.52
N THR B 166 28.33 18.71 3.69
CA THR B 166 28.54 17.81 4.82
C THR B 166 28.09 16.39 4.48
N ILE B 167 26.87 16.25 3.93
CA ILE B 167 26.38 14.92 3.58
C ILE B 167 27.22 14.31 2.47
N SER B 168 27.50 15.09 1.43
CA SER B 168 28.30 14.58 0.32
C SER B 168 29.67 14.10 0.81
N LYS B 169 30.31 14.88 1.68
CA LYS B 169 31.60 14.47 2.22
C LYS B 169 31.47 13.20 3.03
N ALA B 170 30.39 13.07 3.82
CA ALA B 170 30.17 11.86 4.59
C ALA B 170 29.98 10.64 3.70
N PHE B 171 29.26 10.79 2.58
CA PHE B 171 29.13 9.67 1.64
C PHE B 171 30.51 9.23 1.15
N GLU B 172 31.36 10.20 0.80
CA GLU B 172 32.68 9.86 0.27
C GLU B 172 33.53 9.20 1.33
N GLU B 173 33.51 9.75 2.55
CA GLU B 173 34.35 9.23 3.62
C GLU B 173 33.95 7.81 4.02
N LYS B 174 32.65 7.52 4.02
CA LYS B 174 32.16 6.20 4.42
C LYS B 174 32.00 5.22 3.27
N ASN B 175 32.42 5.59 2.06
CA ASN B 175 32.28 4.71 0.89
C ASN B 175 30.83 4.33 0.64
N ILE B 176 29.92 5.28 0.84
CA ILE B 176 28.50 4.97 0.78
C ILE B 176 28.10 4.85 -0.69
N LYS B 177 27.33 3.80 -1.00
CA LYS B 177 26.91 3.54 -2.38
C LYS B 177 25.68 4.39 -2.71
N SER B 178 25.89 5.70 -2.79
CA SER B 178 24.80 6.60 -3.14
C SER B 178 25.36 7.80 -3.89
N ALA B 179 24.70 8.17 -4.98
CA ALA B 179 25.07 9.34 -5.78
C ALA B 179 24.27 10.53 -5.30
N THR B 180 24.95 11.67 -5.10
CA THR B 180 24.22 12.86 -4.67
C THR B 180 23.56 13.51 -5.88
N VAL B 181 22.38 14.06 -5.65
CA VAL B 181 21.57 14.69 -6.69
C VAL B 181 21.16 16.05 -6.20
N TRP B 182 21.46 17.09 -6.97
CA TRP B 182 21.11 18.47 -6.66
C TRP B 182 19.87 18.79 -7.49
N CYS B 183 18.68 18.75 -6.87
CA CYS B 183 17.43 18.62 -7.61
C CYS B 183 16.58 19.87 -7.42
N SER B 184 16.36 20.57 -8.53
CA SER B 184 15.65 21.84 -8.54
C SER B 184 14.14 21.64 -8.61
N GLY B 185 13.41 22.61 -8.03
CA GLY B 185 11.96 22.65 -8.11
C GLY B 185 11.40 23.18 -9.42
N GLY B 186 12.28 23.53 -10.36
CA GLY B 186 11.91 24.02 -11.67
C GLY B 186 10.74 24.99 -11.71
N GLY B 187 9.77 24.69 -12.58
CA GLY B 187 8.64 25.60 -12.77
C GLY B 187 7.80 25.77 -11.52
N SER B 188 7.77 24.77 -10.65
CA SER B 188 6.99 24.89 -9.43
C SER B 188 7.52 26.03 -8.57
N ALA B 189 8.83 26.27 -8.63
CA ALA B 189 9.46 27.40 -7.97
C ALA B 189 9.72 28.58 -8.91
N ASN B 190 9.01 28.63 -10.04
CA ASN B 190 8.97 29.79 -10.93
C ASN B 190 10.26 30.00 -11.70
N PHE B 191 11.00 28.93 -11.95
CA PHE B 191 12.19 28.93 -12.81
C PHE B 191 13.08 30.13 -12.51
N ILE B 192 13.61 30.15 -11.29
CA ILE B 192 14.40 31.31 -10.87
C ILE B 192 15.68 31.39 -11.71
N GLY B 193 16.24 32.58 -11.79
CA GLY B 193 17.38 32.80 -12.66
C GLY B 193 18.59 32.00 -12.21
N LEU B 194 19.54 31.85 -13.14
CA LEU B 194 20.74 31.05 -12.88
C LEU B 194 21.54 31.60 -11.70
N GLU B 195 21.65 32.92 -11.59
CA GLU B 195 22.37 33.49 -10.46
C GLU B 195 21.74 33.07 -9.14
N LYS B 196 20.41 33.10 -9.06
CA LYS B 196 19.74 32.70 -7.83
C LYS B 196 19.85 31.20 -7.60
N LEU B 197 19.78 30.41 -8.67
CA LEU B 197 20.01 28.97 -8.55
C LEU B 197 21.40 28.68 -8.00
N MET B 198 22.42 29.38 -8.50
CA MET B 198 23.78 29.05 -8.09
C MET B 198 24.08 29.43 -6.65
N ALA B 199 23.28 30.32 -6.06
CA ALA B 199 23.42 30.59 -4.63
C ALA B 199 23.22 29.32 -3.80
N TYR B 200 22.47 28.36 -4.34
CA TYR B 200 22.24 27.07 -3.70
C TYR B 200 23.20 25.98 -4.15
N TYR B 201 24.13 26.28 -5.08
CA TYR B 201 24.93 25.23 -5.68
C TYR B 201 26.22 25.03 -4.89
N PRO B 202 26.45 23.85 -4.31
CA PRO B 202 27.65 23.65 -3.48
C PRO B 202 28.94 23.42 -4.25
N GLY B 203 28.88 23.25 -5.56
CA GLY B 203 30.08 22.96 -6.32
C GLY B 203 30.10 21.60 -6.98
N ASN B 204 30.79 21.50 -8.13
CA ASN B 204 30.79 20.28 -8.92
C ASN B 204 31.41 19.10 -8.16
N GLU B 205 32.39 19.35 -7.30
CA GLU B 205 33.05 18.25 -6.63
C GLU B 205 32.13 17.51 -5.65
N TYR B 206 31.05 18.13 -5.21
CA TYR B 206 30.15 17.54 -4.22
C TYR B 206 28.85 17.01 -4.83
N VAL B 207 28.66 17.16 -6.13
CA VAL B 207 27.39 16.86 -6.79
C VAL B 207 27.67 15.78 -7.83
N ASP B 208 26.97 14.65 -7.75
CA ASP B 208 27.11 13.68 -8.81
C ASP B 208 26.15 13.94 -9.96
N TRP B 209 24.87 14.19 -9.65
CA TRP B 209 23.87 14.46 -10.67
C TRP B 209 23.16 15.77 -10.37
N TRP B 210 22.73 16.44 -11.44
CA TRP B 210 21.69 17.43 -11.31
C TRP B 210 20.32 16.75 -11.44
N GLY B 211 19.30 17.44 -10.95
CA GLY B 211 17.94 16.95 -11.09
C GLY B 211 16.99 18.12 -11.23
N ILE B 212 15.85 17.86 -11.86
CA ILE B 212 14.75 18.84 -11.88
C ILE B 212 13.44 18.07 -11.88
N ASP B 213 12.42 18.65 -11.24
CA ASP B 213 11.12 18.03 -11.11
C ASP B 213 10.13 18.78 -12.02
N VAL B 214 9.35 18.03 -12.78
CA VAL B 214 8.52 18.59 -13.86
C VAL B 214 7.07 18.17 -13.64
N PHE B 215 6.17 19.16 -13.52
CA PHE B 215 4.80 18.87 -13.15
C PHE B 215 3.76 19.54 -14.06
N SER B 216 3.58 20.86 -13.96
CA SER B 216 2.61 21.55 -14.80
C SER B 216 2.98 21.44 -16.28
N PRO B 217 1.99 21.34 -17.18
CA PRO B 217 2.33 21.16 -18.61
C PRO B 217 2.97 22.38 -19.25
N GLU B 218 2.69 23.60 -18.78
CA GLU B 218 3.35 24.79 -19.32
C GLU B 218 4.86 24.76 -19.12
N GLU B 219 5.35 23.95 -18.17
CA GLU B 219 6.78 23.91 -17.91
C GLU B 219 7.56 23.45 -19.13
N PHE B 220 6.97 22.57 -19.95
CA PHE B 220 7.71 21.98 -21.06
C PHE B 220 8.18 23.04 -22.05
N SER B 221 7.41 24.10 -22.22
CA SER B 221 7.73 25.15 -23.18
C SER B 221 8.29 26.40 -22.51
N ASN B 222 8.63 26.32 -21.24
CA ASN B 222 9.20 27.47 -20.56
C ASN B 222 10.69 27.55 -20.86
N ILE B 223 11.17 28.74 -21.23
CA ILE B 223 12.58 28.86 -21.56
C ILE B 223 13.46 28.51 -20.37
N GLY B 224 12.95 28.69 -19.15
CA GLY B 224 13.73 28.33 -17.97
C GLY B 224 14.10 26.86 -17.93
N LEU B 225 13.30 26.01 -18.54
CA LEU B 225 13.64 24.60 -18.56
C LEU B 225 14.81 24.35 -19.49
N LYS B 226 14.77 24.94 -20.68
CA LYS B 226 15.92 24.85 -21.59
C LYS B 226 17.17 25.43 -20.96
N ASN B 227 17.04 26.60 -20.32
CA ASN B 227 18.18 27.19 -19.62
C ASN B 227 18.76 26.25 -18.58
N PHE B 228 17.91 25.44 -17.92
CA PHE B 228 18.41 24.53 -16.90
C PHE B 228 19.26 23.42 -17.53
N PHE B 229 18.75 22.79 -18.61
CA PHE B 229 19.50 21.75 -19.28
C PHE B 229 20.79 22.31 -19.88
N ASP B 230 20.74 23.54 -20.40
CA ASP B 230 21.95 24.19 -20.91
C ASP B 230 23.05 24.22 -19.87
N THR B 231 22.74 24.73 -18.68
CA THR B 231 23.81 24.90 -17.70
C THR B 231 24.16 23.60 -17.00
N ALA B 232 23.25 22.62 -16.93
CA ALA B 232 23.66 21.32 -16.41
C ALA B 232 24.71 20.71 -17.33
N HIS B 233 24.55 20.90 -18.64
CA HIS B 233 25.50 20.35 -19.59
C HIS B 233 26.86 20.98 -19.42
N THR B 234 26.91 22.29 -19.19
CA THR B 234 28.22 22.93 -19.06
C THR B 234 28.79 22.82 -17.66
N HIS B 235 28.00 22.37 -16.67
CA HIS B 235 28.58 21.88 -15.43
C HIS B 235 29.05 20.45 -15.57
N LYS B 236 28.83 19.83 -16.73
CA LYS B 236 29.24 18.45 -17.03
C LYS B 236 28.62 17.45 -16.05
N LYS B 237 27.32 17.61 -15.78
CA LYS B 237 26.57 16.71 -14.91
C LYS B 237 25.37 16.14 -15.67
N PRO B 238 25.07 14.86 -15.49
CA PRO B 238 23.83 14.31 -16.04
C PRO B 238 22.64 14.84 -15.26
N VAL B 239 21.47 14.79 -15.89
CA VAL B 239 20.25 15.31 -15.29
C VAL B 239 19.28 14.16 -15.08
N MET B 240 18.74 14.07 -13.87
CA MET B 240 17.63 13.18 -13.57
C MET B 240 16.34 14.01 -13.47
N ILE B 241 15.27 13.53 -14.10
CA ILE B 241 13.96 14.09 -13.75
C ILE B 241 13.60 13.42 -12.43
N GLY B 242 13.76 14.17 -11.33
CA GLY B 242 13.71 13.60 -10.01
C GLY B 242 12.32 13.18 -9.57
N ALA B 243 11.29 13.76 -10.18
CA ALA B 243 9.89 13.47 -9.92
C ALA B 243 9.09 14.15 -11.03
N SER B 244 8.05 13.47 -11.49
CA SER B 244 7.20 14.03 -12.53
C SER B 244 5.82 13.42 -12.37
N THR B 245 4.82 14.14 -12.86
CA THR B 245 3.43 13.67 -12.82
C THR B 245 2.64 14.65 -13.67
N PRO B 246 1.56 14.24 -14.30
CA PRO B 246 0.77 15.16 -15.17
C PRO B 246 -0.10 16.12 -14.37
N ARG B 247 0.55 17.03 -13.64
CA ARG B 247 -0.17 17.87 -12.71
C ARG B 247 -1.18 18.75 -13.42
N TYR B 248 -2.40 18.80 -12.87
CA TYR B 248 -3.55 19.50 -13.43
C TYR B 248 -4.03 18.91 -14.74
N VAL B 249 -3.51 17.75 -15.14
CA VAL B 249 -3.91 17.07 -16.36
C VAL B 249 -4.44 15.68 -16.06
N GLY B 250 -3.69 14.90 -15.28
CA GLY B 250 -4.17 13.54 -15.04
C GLY B 250 -4.16 12.68 -16.31
N VAL B 251 -4.90 11.58 -16.24
CA VAL B 251 -4.89 10.61 -17.33
C VAL B 251 -6.30 10.29 -17.82
N LEU B 252 -7.31 10.83 -17.14
CA LEU B 252 -8.67 10.35 -17.35
C LEU B 252 -9.30 10.84 -18.65
N ASP B 253 -8.67 11.77 -19.35
CA ASP B 253 -9.24 12.26 -20.60
C ASP B 253 -8.58 11.62 -21.83
N GLY B 254 -7.89 10.50 -21.63
CA GLY B 254 -7.37 9.72 -22.76
C GLY B 254 -6.42 10.52 -23.63
N GLU B 255 -6.79 10.63 -24.92
CA GLU B 255 -5.93 11.31 -25.88
C GLU B 255 -5.71 12.78 -25.52
N ILE B 256 -6.71 13.42 -24.91
CA ILE B 256 -6.55 14.81 -24.46
C ILE B 256 -5.49 14.88 -23.38
N SER B 257 -5.52 13.95 -22.43
CA SER B 257 -4.52 13.88 -21.37
C SER B 257 -3.15 13.58 -21.95
N TRP B 258 -3.08 12.63 -22.89
CA TRP B 258 -1.80 12.27 -23.47
C TRP B 258 -1.15 13.47 -24.15
N ASN B 259 -1.91 14.14 -25.04
CA ASN B 259 -1.32 15.23 -25.82
C ASN B 259 -0.93 16.41 -24.95
N LYS B 260 -1.60 16.59 -23.82
CA LYS B 260 -1.38 17.78 -23.01
C LYS B 260 -0.12 17.67 -22.15
N TRP B 261 0.22 16.47 -21.69
CA TRP B 261 1.35 16.32 -20.77
C TRP B 261 2.32 15.22 -21.21
N PHE B 262 1.81 14.03 -21.50
CA PHE B 262 2.71 12.92 -21.80
C PHE B 262 3.45 13.15 -23.11
N LYS B 263 2.78 13.69 -24.11
CA LYS B 263 3.45 13.90 -25.40
C LYS B 263 4.62 14.86 -25.27
N PRO B 264 4.48 16.05 -24.67
CA PRO B 264 5.67 16.90 -24.49
C PRO B 264 6.63 16.37 -23.42
N PHE B 265 6.17 15.56 -22.47
CA PHE B 265 7.08 14.91 -21.55
C PHE B 265 8.07 14.01 -22.28
N PHE B 266 7.56 13.14 -23.14
CA PHE B 266 8.50 12.25 -23.82
C PHE B 266 9.29 12.97 -24.90
N GLU B 267 8.78 14.08 -25.45
CA GLU B 267 9.60 14.91 -26.34
C GLU B 267 10.78 15.53 -25.59
N MET B 268 10.55 15.99 -24.36
CA MET B 268 11.62 16.53 -23.52
C MET B 268 12.71 15.48 -23.32
N LEU B 269 12.32 14.23 -23.04
CA LEU B 269 13.34 13.20 -22.86
C LEU B 269 14.15 12.99 -24.13
N ASN B 270 13.48 13.01 -25.30
CA ASN B 270 14.16 12.76 -26.56
C ASN B 270 15.12 13.89 -26.91
N ASP B 271 14.73 15.12 -26.59
CA ASP B 271 15.33 16.33 -27.15
C ASP B 271 16.52 16.83 -26.34
N ASN B 272 16.69 16.35 -25.11
CA ASN B 272 17.72 16.86 -24.22
C ASN B 272 18.69 15.75 -23.87
N PRO B 273 19.85 15.68 -24.52
CA PRO B 273 20.71 14.49 -24.41
C PRO B 273 21.34 14.29 -23.04
N GLY B 274 21.29 15.30 -22.17
CA GLY B 274 21.84 15.17 -20.83
C GLY B 274 20.94 14.49 -19.83
N ILE B 275 19.68 14.28 -20.17
CA ILE B 275 18.74 13.58 -19.29
C ILE B 275 19.07 12.10 -19.31
N LYS B 276 19.48 11.56 -18.16
CA LYS B 276 19.90 10.16 -18.08
C LYS B 276 19.03 9.32 -17.17
N ALA B 277 17.96 9.88 -16.60
CA ALA B 277 17.03 9.14 -15.76
C ALA B 277 15.76 9.96 -15.61
N PHE B 278 14.63 9.27 -15.43
CA PHE B 278 13.37 9.96 -15.16
C PHE B 278 12.57 9.15 -14.14
N CYS B 279 11.75 9.86 -13.36
CA CYS B 279 10.97 9.22 -12.30
C CYS B 279 9.53 9.70 -12.40
N TYR B 280 8.62 8.75 -12.68
CA TYR B 280 7.21 9.04 -12.88
C TYR B 280 6.43 8.62 -11.63
N ILE B 281 5.58 9.51 -11.13
CA ILE B 281 4.80 9.27 -9.91
C ILE B 281 3.40 8.83 -10.29
N ASN B 282 3.08 7.58 -9.97
CA ASN B 282 1.84 6.94 -10.39
C ASN B 282 0.84 7.00 -9.24
N TRP B 283 0.28 8.20 -9.04
CA TRP B 283 -0.48 8.50 -7.83
C TRP B 283 -1.84 9.13 -8.11
N ASP B 284 -2.83 8.74 -7.30
CA ASP B 284 -4.10 9.45 -7.18
C ASP B 284 -3.84 10.60 -6.22
N TRP B 285 -3.60 11.79 -6.76
CA TRP B 285 -3.12 12.88 -5.92
C TRP B 285 -4.18 13.36 -4.92
N GLU B 286 -5.46 13.34 -5.30
CA GLU B 286 -6.49 13.75 -4.36
C GLU B 286 -6.47 12.86 -3.13
N TYR B 287 -6.28 11.55 -3.32
CA TYR B 287 -6.17 10.62 -2.19
C TYR B 287 -4.97 10.93 -1.33
N TRP B 288 -3.78 11.07 -1.95
CA TRP B 288 -2.59 11.26 -1.14
C TRP B 288 -2.57 12.62 -0.45
N SER B 289 -3.24 13.62 -1.05
CA SER B 289 -3.40 14.92 -0.38
C SER B 289 -4.08 14.75 0.96
N ASN B 290 -5.21 14.03 0.98
CA ASN B 290 -5.94 13.80 2.22
C ASN B 290 -5.16 12.88 3.14
N LYS B 291 -4.57 11.82 2.59
CA LYS B 291 -3.80 10.89 3.41
C LYS B 291 -2.64 11.60 4.11
N ASN B 292 -1.89 12.41 3.38
CA ASN B 292 -0.65 13.00 3.88
C ASN B 292 -0.81 14.42 4.42
N GLY B 293 -1.90 15.11 4.09
CA GLY B 293 -2.06 16.49 4.50
C GLY B 293 -1.27 17.49 3.67
N PHE B 294 -1.01 17.20 2.40
CA PHE B 294 -0.27 18.10 1.53
C PHE B 294 -1.21 18.72 0.50
N PRO B 295 -0.86 19.90 -0.03
CA PRO B 295 -1.80 20.62 -0.92
C PRO B 295 -1.73 20.18 -2.38
N TRP B 296 -2.16 18.94 -2.64
CA TRP B 296 -2.20 18.40 -4.00
C TRP B 296 -3.61 18.06 -4.46
N HIS B 297 -4.64 18.66 -3.85
CA HIS B 297 -6.02 18.20 -4.01
C HIS B 297 -6.49 18.22 -5.46
N ASP B 298 -6.03 19.19 -6.24
CA ASP B 298 -6.49 19.38 -7.61
C ASP B 298 -5.45 18.95 -8.63
N TRP B 299 -4.46 18.14 -8.24
CA TRP B 299 -3.43 17.75 -9.17
C TRP B 299 -3.92 16.72 -10.19
N LYS B 300 -5.06 16.06 -9.92
CA LYS B 300 -5.73 15.08 -10.78
C LYS B 300 -5.07 13.71 -10.69
N ASP B 301 -5.71 12.72 -11.31
CA ASP B 301 -5.38 11.30 -11.14
C ASP B 301 -4.30 10.93 -12.13
N ALA B 302 -3.10 10.59 -11.64
CA ALA B 302 -1.97 10.27 -12.52
C ALA B 302 -1.71 8.77 -12.68
N ARG B 303 -2.63 7.91 -12.24
CA ARG B 303 -2.40 6.47 -12.30
C ARG B 303 -2.62 6.01 -13.74
N ILE B 304 -1.54 5.60 -14.42
CA ILE B 304 -1.67 5.31 -15.84
C ILE B 304 -2.57 4.10 -16.09
N GLU B 305 -2.71 3.20 -15.12
CA GLU B 305 -3.61 2.07 -15.29
C GLU B 305 -5.08 2.48 -15.33
N LYS B 306 -5.42 3.71 -14.94
CA LYS B 306 -6.80 4.17 -14.89
C LYS B 306 -7.37 4.55 -16.25
N ASN B 307 -6.56 4.58 -17.29
CA ASN B 307 -7.08 4.98 -18.60
C ASN B 307 -6.42 4.14 -19.70
N PRO B 308 -7.20 3.37 -20.48
CA PRO B 308 -6.58 2.51 -21.49
C PRO B 308 -5.74 3.25 -22.51
N PHE B 309 -6.19 4.41 -22.98
CA PHE B 309 -5.39 5.13 -23.98
C PHE B 309 -4.01 5.48 -23.44
N VAL B 310 -3.96 6.08 -22.26
CA VAL B 310 -2.68 6.53 -21.70
C VAL B 310 -1.82 5.34 -21.33
N LEU B 311 -2.43 4.32 -20.70
CA LEU B 311 -1.69 3.10 -20.39
C LEU B 311 -1.00 2.53 -21.63
N GLU B 312 -1.74 2.38 -22.73
CA GLU B 312 -1.18 1.78 -23.94
C GLU B 312 -0.12 2.68 -24.55
N ALA B 313 -0.34 3.99 -24.55
CA ALA B 313 0.65 4.91 -25.11
C ALA B 313 1.92 4.92 -24.28
N TYR B 314 1.76 4.94 -22.95
CA TYR B 314 2.91 4.92 -22.04
C TYR B 314 3.70 3.64 -22.21
N LYS B 315 3.02 2.49 -22.20
CA LYS B 315 3.70 1.22 -22.42
C LYS B 315 4.50 1.25 -23.71
N THR B 316 3.93 1.83 -24.78
CA THR B 316 4.64 1.94 -26.05
C THR B 316 5.93 2.76 -25.89
N GLU B 317 5.84 3.89 -25.20
CA GLU B 317 7.06 4.68 -24.98
C GLU B 317 8.09 3.87 -24.22
N MET B 318 7.67 3.08 -23.23
CA MET B 318 8.62 2.28 -22.47
C MET B 318 9.32 1.23 -23.34
N GLU B 319 8.77 0.89 -24.50
CA GLU B 319 9.45 -0.05 -25.40
C GLU B 319 10.60 0.60 -26.17
N ASN B 320 10.71 1.92 -26.15
CA ASN B 320 11.84 2.60 -26.76
C ASN B 320 13.13 2.04 -26.18
N PRO B 321 14.05 1.52 -27.01
CA PRO B 321 15.29 0.92 -26.47
C PRO B 321 16.13 1.87 -25.62
N ILE B 322 15.91 3.18 -25.75
CA ILE B 322 16.68 4.13 -24.97
C ILE B 322 16.50 3.91 -23.46
N PHE B 323 15.37 3.33 -23.04
CA PHE B 323 15.05 3.24 -21.62
C PHE B 323 15.67 2.01 -20.98
N ILE B 324 16.35 2.23 -19.86
CA ILE B 324 17.01 1.17 -19.10
C ILE B 324 16.06 0.68 -18.01
N HIS B 325 15.57 -0.54 -18.19
CA HIS B 325 14.71 -1.21 -17.22
C HIS B 325 15.57 -2.13 -16.38
N LEU B 326 14.98 -2.72 -15.35
CA LEU B 326 15.73 -3.55 -14.43
C LEU B 326 16.36 -4.74 -15.17
O1 XYP C . 3.48 23.49 -5.24
C1 XYP C . 4.47 22.55 -4.77
C2 XYP C . 3.87 21.72 -3.64
C3 XYP C . 4.82 20.63 -3.17
C4 XYP C . 5.34 19.84 -4.36
C5 XYP C . 5.90 20.77 -5.44
O2 XYP C . 3.59 22.58 -2.54
O3 XYP C . 4.18 19.74 -2.24
O4 XYP C . 6.31 18.89 -3.87
O5 XYP C . 4.91 21.72 -5.85
C1 XYP C . 6.61 17.98 -4.86
C2 XYP C . 7.63 16.92 -4.44
C3 XYP C . 6.97 15.76 -3.68
C4 XYP C . 5.69 15.28 -4.35
C5 XYP C . 4.80 16.43 -4.77
O2 XYP C . 8.33 16.44 -5.61
O3 XYP C . 6.72 16.12 -2.30
O4 XYP C . 6.02 14.51 -5.51
O5 XYP C . 5.54 17.37 -5.58
C1 XYP C . 6.93 15.05 -1.48
C2 XYP C . 6.81 15.53 -0.03
C3 XYP C . 7.04 14.35 0.92
C4 XYP C . 6.11 13.19 0.58
C5 XYP C . 6.21 12.84 -0.90
O2 XYP C . 7.77 16.58 0.24
O3 XYP C . 6.82 14.78 2.28
O4 XYP C . 6.47 12.05 1.36
O5 XYP C . 5.96 14.02 -1.69
O1 XYP D . -3.73 -10.98 19.19
C1 XYP D . -4.70 -10.38 18.33
C2 XYP D . -4.09 -9.15 17.68
C3 XYP D . -5.04 -8.61 16.63
C4 XYP D . -5.45 -9.70 15.65
C5 XYP D . -6.02 -10.90 16.39
O2 XYP D . -3.87 -8.11 18.64
O3 XYP D . -4.43 -7.51 15.93
O4 XYP D . -6.40 -9.17 14.73
O5 XYP D . -5.07 -11.35 17.36
C1 XYP D . -6.76 -10.01 13.70
C2 XYP D . -7.75 -9.51 12.66
C3 XYP D . -7.12 -8.59 11.60
C4 XYP D . -5.80 -9.15 11.08
C5 XYP D . -4.92 -9.58 12.24
O2 XYP D . -8.38 -10.63 12.02
O3 XYP D . -6.88 -7.27 12.11
O4 XYP D . -6.08 -10.27 10.23
O5 XYP D . -5.58 -10.53 13.07
C1 XYP D . -7.11 -6.27 11.19
C2 XYP D . -7.03 -4.90 11.85
C3 XYP D . -7.34 -3.84 10.80
C4 XYP D . -6.38 -3.98 9.64
C5 XYP D . -6.45 -5.39 9.08
O2 XYP D . -8.00 -4.83 12.91
O3 XYP D . -7.24 -2.53 11.38
O4 XYP D . -6.70 -3.03 8.61
O5 XYP D . -6.15 -6.30 10.13
#